data_5OMI
#
_entry.id   5OMI
#
_cell.length_a   58.318
_cell.length_b   103.433
_cell.length_c   171.551
_cell.angle_alpha   90.00
_cell.angle_beta   90.00
_cell.angle_gamma   90.00
#
_symmetry.space_group_name_H-M   'C 2 2 21'
#
loop_
_entity.id
_entity.type
_entity.pdbx_description
1 polymer 'Pre-glycoprotein polyprotein GP complex'
2 non-polymer 'CHLORIDE ION'
3 non-polymer 2-acetamido-2-deoxy-beta-D-glucopyranose
4 non-polymer 'SODIUM ION'
5 water water
#
_entity_poly.entity_id   1
_entity_poly.type   'polypeptide(L)'
_entity_poly.pdbx_seq_one_letter_code
;GGSGDEEFSDMLRLFDFNKQAIQRLKAEAQMSIQLINKAVNALINDQLIMKNHLRDIMGIPYCNYSKYWYLNHTTTGRTS
LPKCWLVSNGSYLNETHFSDDIEQQADNMITEMLQKEY
;
_entity_poly.pdbx_strand_id   A,B,C
#
loop_
_chem_comp.id
_chem_comp.type
_chem_comp.name
_chem_comp.formula
CL non-polymer 'CHLORIDE ION' 'Cl -1'
NA non-polymer 'SODIUM ION' 'Na 1'
NAG D-saccharide, beta linking 2-acetamido-2-deoxy-beta-D-glucopyranose 'C8 H15 N O6'
#
# COMPACT_ATOMS: atom_id res chain seq x y z
N SER A 3 16.33 -6.90 35.77
CA SER A 3 14.98 -7.37 35.48
C SER A 3 14.87 -8.86 35.77
N GLY A 4 14.02 -9.20 36.74
CA GLY A 4 13.79 -10.59 37.08
C GLY A 4 13.28 -11.39 35.89
N ASP A 5 13.57 -12.70 35.91
CA ASP A 5 13.32 -13.51 34.73
C ASP A 5 11.83 -13.59 34.41
N GLU A 6 10.98 -13.59 35.44
CA GLU A 6 9.54 -13.65 35.20
C GLU A 6 9.00 -12.32 34.66
N GLU A 7 9.50 -11.20 35.18
CA GLU A 7 9.16 -9.90 34.61
C GLU A 7 9.59 -9.83 33.15
N PHE A 8 10.79 -10.31 32.86
CA PHE A 8 11.28 -10.25 31.49
C PHE A 8 10.44 -11.15 30.59
N SER A 9 9.99 -12.30 31.10
CA SER A 9 9.12 -13.16 30.32
C SER A 9 7.79 -12.47 29.99
N ASP A 10 7.22 -11.74 30.96
CA ASP A 10 5.97 -11.05 30.68
C ASP A 10 6.16 -9.94 29.63
N MET A 11 7.17 -9.09 29.82
CA MET A 11 7.39 -8.02 28.86
C MET A 11 7.77 -8.59 27.50
N LEU A 12 8.44 -9.74 27.50
CA LEU A 12 8.87 -10.39 26.28
C LEU A 12 7.70 -11.00 25.52
N ARG A 13 6.70 -11.52 26.24
CA ARG A 13 5.50 -12.03 25.57
C ARG A 13 4.70 -10.91 24.93
N LEU A 14 4.49 -9.80 25.65
CA LEU A 14 3.80 -8.66 25.05
C LEU A 14 4.55 -8.17 23.82
N PHE A 15 5.88 -8.13 23.92
CA PHE A 15 6.74 -7.79 22.79
C PHE A 15 6.47 -8.69 21.59
N ASP A 16 6.53 -10.00 21.79
CA ASP A 16 6.25 -10.95 20.72
C ASP A 16 4.93 -10.66 20.05
N PHE A 17 3.89 -10.38 20.83
CA PHE A 17 2.61 -10.13 20.20
C PHE A 17 2.68 -8.95 19.24
N ASN A 18 3.20 -7.81 19.72
CA ASN A 18 3.24 -6.67 18.80
C ASN A 18 4.16 -6.95 17.61
N LYS A 19 5.23 -7.72 17.80
CA LYS A 19 6.08 -8.05 16.67
C LYS A 19 5.31 -8.87 15.64
N GLN A 20 4.54 -9.85 16.10
CA GLN A 20 3.77 -10.67 15.19
C GLN A 20 2.72 -9.86 14.46
N ALA A 21 2.07 -8.92 15.16
CA ALA A 21 1.09 -8.08 14.51
C ALA A 21 1.74 -7.23 13.42
N ILE A 22 2.94 -6.69 13.71
CA ILE A 22 3.64 -5.90 12.71
C ILE A 22 3.96 -6.77 11.49
N GLN A 23 4.42 -8.00 11.72
CA GLN A 23 4.78 -8.88 10.61
C GLN A 23 3.55 -9.21 9.76
N ARG A 24 2.42 -9.49 10.42
CA ARG A 24 1.17 -9.78 9.73
C ARG A 24 0.76 -8.62 8.83
N LEU A 25 0.75 -7.41 9.40
CA LEU A 25 0.42 -6.21 8.62
C LEU A 25 1.38 -6.04 7.45
N LYS A 26 2.68 -6.25 7.70
CA LYS A 26 3.68 -6.12 6.65
C LYS A 26 3.36 -7.05 5.48
N ALA A 27 3.05 -8.31 5.78
CA ALA A 27 2.78 -9.28 4.71
C ALA A 27 1.51 -8.94 3.95
N GLU A 28 0.44 -8.59 4.67
CA GLU A 28 -0.83 -8.27 4.00
C GLU A 28 -0.70 -7.04 3.12
N ALA A 29 -0.06 -5.98 3.65
CA ALA A 29 0.15 -4.77 2.88
C ALA A 29 0.99 -5.06 1.64
N GLN A 30 2.04 -5.86 1.78
CA GLN A 30 2.86 -6.18 0.63
C GLN A 30 2.07 -6.94 -0.42
N MET A 31 1.21 -7.87 0.02
CA MET A 31 0.38 -8.61 -0.93
C MET A 31 -0.52 -7.68 -1.71
N SER A 32 -1.25 -6.81 -1.00
CA SER A 32 -2.20 -5.96 -1.72
C SER A 32 -1.47 -4.99 -2.65
N ILE A 33 -0.33 -4.47 -2.19
CA ILE A 33 0.44 -3.54 -3.02
C ILE A 33 0.94 -4.24 -4.27
N GLN A 34 1.34 -5.51 -4.17
CA GLN A 34 1.82 -6.20 -5.36
C GLN A 34 0.71 -6.47 -6.36
N LEU A 35 -0.48 -6.80 -5.86
CA LEU A 35 -1.60 -6.95 -6.78
C LEU A 35 -1.85 -5.65 -7.52
N ILE A 36 -1.82 -4.52 -6.79
CA ILE A 36 -1.94 -3.22 -7.44
C ILE A 36 -0.85 -3.02 -8.48
N ASN A 37 0.37 -3.44 -8.17
CA ASN A 37 1.47 -3.26 -9.12
C ASN A 37 1.22 -4.04 -10.40
N LYS A 38 0.78 -5.29 -10.27
CA LYS A 38 0.45 -6.10 -11.42
C LYS A 38 -0.61 -5.42 -12.28
N ALA A 39 -1.67 -4.89 -11.62
CA ALA A 39 -2.75 -4.25 -12.36
C ALA A 39 -2.27 -3.02 -13.10
N VAL A 40 -1.46 -2.20 -12.43
CA VAL A 40 -0.94 -0.99 -13.05
C VAL A 40 -0.03 -1.33 -14.22
N ASN A 41 0.81 -2.35 -14.06
CA ASN A 41 1.73 -2.71 -15.13
C ASN A 41 0.97 -3.23 -16.34
N ALA A 42 -0.10 -3.98 -16.12
CA ALA A 42 -0.96 -4.44 -17.20
C ALA A 42 -1.61 -3.27 -17.93
N LEU A 43 -2.10 -2.29 -17.16
CA LEU A 43 -2.61 -1.05 -17.76
C LEU A 43 -1.55 -0.36 -18.62
N ILE A 44 -0.32 -0.27 -18.11
CA ILE A 44 0.75 0.39 -18.85
C ILE A 44 1.03 -0.35 -20.16
N ASN A 45 1.13 -1.67 -20.08
CA ASN A 45 1.41 -2.48 -21.26
C ASN A 45 0.34 -2.25 -22.33
N ASP A 46 -0.93 -2.37 -21.94
CA ASP A 46 -1.98 -2.23 -22.93
C ASP A 46 -2.03 -0.80 -23.46
N GLN A 47 -1.75 0.20 -22.62
CA GLN A 47 -1.85 1.58 -23.09
C GLN A 47 -0.75 1.85 -24.08
N LEU A 48 0.41 1.23 -23.91
CA LEU A 48 1.49 1.38 -24.87
C LEU A 48 1.16 0.71 -26.20
N ILE A 49 0.52 -0.47 -26.13
CA ILE A 49 0.01 -1.10 -27.36
C ILE A 49 -0.95 -0.15 -28.07
N MET A 50 -1.90 0.40 -27.31
CA MET A 50 -2.86 1.34 -27.83
C MET A 50 -2.17 2.53 -28.51
N LYS A 51 -1.22 3.14 -27.83
CA LYS A 51 -0.50 4.26 -28.41
C LYS A 51 0.23 3.84 -29.69
N ASN A 52 0.71 2.60 -29.76
CA ASN A 52 1.39 2.17 -30.97
C ASN A 52 0.44 1.88 -32.12
N HIS A 53 -0.85 1.68 -31.86
CA HIS A 53 -1.77 1.31 -32.94
C HIS A 53 -2.82 2.36 -33.27
N LEU A 54 -2.88 3.48 -32.54
CA LEU A 54 -3.93 4.48 -32.79
C LEU A 54 -3.32 5.60 -33.63
N ARG A 55 -3.70 5.65 -34.91
CA ARG A 55 -3.05 6.57 -35.86
C ARG A 55 -3.37 8.03 -35.57
N ASP A 56 -4.58 8.30 -35.07
CA ASP A 56 -5.00 9.68 -34.83
C ASP A 56 -4.17 10.38 -33.76
N ILE A 57 -3.45 9.65 -32.90
CA ILE A 57 -2.74 10.28 -31.80
C ILE A 57 -1.23 10.13 -31.91
N MET A 58 -0.73 9.63 -33.05
CA MET A 58 0.70 9.41 -33.19
C MET A 58 1.52 10.69 -33.32
N GLY A 59 0.89 11.84 -33.54
CA GLY A 59 1.68 13.06 -33.52
C GLY A 59 2.14 13.47 -32.13
N ILE A 60 1.52 12.92 -31.10
CA ILE A 60 1.80 13.26 -29.70
C ILE A 60 3.11 12.59 -29.29
N PRO A 61 4.09 13.36 -28.80
CA PRO A 61 5.37 12.75 -28.38
C PRO A 61 5.29 12.23 -26.95
N TYR A 62 6.32 11.47 -26.57
CA TYR A 62 6.43 11.09 -25.17
C TYR A 62 7.17 12.22 -24.46
N CYS A 63 6.78 12.50 -23.23
CA CYS A 63 7.38 13.60 -22.51
C CYS A 63 8.87 13.34 -22.32
N ASN A 64 9.65 14.39 -22.43
CA ASN A 64 11.07 14.30 -22.17
C ASN A 64 11.30 14.55 -20.67
N TYR A 65 12.56 14.71 -20.26
CA TYR A 65 12.89 14.71 -18.84
C TYR A 65 12.19 15.86 -18.11
N SER A 66 11.94 16.98 -18.80
CA SER A 66 11.27 18.11 -18.19
C SER A 66 9.95 17.74 -17.55
N LYS A 67 9.40 16.56 -17.88
CA LYS A 67 8.15 16.11 -17.28
C LYS A 67 8.21 16.15 -15.75
N TYR A 68 9.36 15.83 -15.17
CA TYR A 68 9.44 15.81 -13.71
C TYR A 68 9.19 17.19 -13.11
N TRP A 69 9.52 18.26 -13.83
CA TRP A 69 9.09 19.60 -13.44
C TRP A 69 7.70 19.96 -13.94
N TYR A 70 7.22 19.33 -15.01
CA TYR A 70 5.78 19.35 -15.25
C TYR A 70 5.04 18.87 -14.00
N LEU A 71 5.63 17.90 -13.30
CA LEU A 71 5.05 17.37 -12.06
C LEU A 71 4.96 18.43 -10.97
N ASN A 72 5.96 19.31 -10.87
CA ASN A 72 5.98 20.27 -9.78
C ASN A 72 4.88 21.33 -9.87
N HIS A 73 4.26 21.51 -11.04
CA HIS A 73 3.11 22.40 -11.17
C HIS A 73 1.92 21.85 -10.39
N PRO A 82 1.25 21.86 -22.15
CA PRO A 82 2.22 20.91 -22.69
C PRO A 82 1.70 19.47 -22.68
N LYS A 83 1.24 18.98 -23.84
CA LYS A 83 0.67 17.64 -23.91
C LYS A 83 1.63 16.69 -24.63
N CYS A 84 1.95 15.62 -23.94
CA CYS A 84 2.93 14.59 -24.28
C CYS A 84 2.62 13.41 -23.37
N TRP A 85 3.23 12.27 -23.66
CA TRP A 85 2.89 11.07 -22.91
C TRP A 85 3.78 10.95 -21.68
N LEU A 86 3.16 10.74 -20.51
CA LEU A 86 3.93 10.47 -19.29
C LEU A 86 4.26 9.00 -19.12
N VAL A 87 3.37 8.11 -19.57
CA VAL A 87 3.61 6.69 -19.49
C VAL A 87 4.48 6.25 -20.66
N SER A 88 5.57 5.56 -20.36
CA SER A 88 6.54 5.14 -21.37
C SER A 88 6.97 3.72 -21.02
N ASN A 89 7.98 3.23 -21.73
CA ASN A 89 8.52 1.91 -21.45
C ASN A 89 9.07 1.80 -20.03
N GLY A 90 9.58 2.90 -19.48
CA GLY A 90 10.20 2.88 -18.18
C GLY A 90 9.29 3.37 -17.06
N SER A 91 7.99 3.20 -17.24
CA SER A 91 6.99 3.58 -16.24
C SER A 91 6.52 2.40 -15.39
N TYR A 92 7.01 1.19 -15.66
CA TYR A 92 6.57 0.02 -14.91
C TYR A 92 6.99 0.11 -13.44
N LEU A 93 6.19 -0.51 -12.58
CA LEU A 93 6.45 -0.53 -11.14
C LEU A 93 7.27 -1.76 -10.79
N ASN A 94 8.36 -1.54 -10.06
CA ASN A 94 9.13 -2.65 -9.49
C ASN A 94 8.35 -3.40 -8.43
N GLU A 95 8.86 -4.58 -8.12
CA GLU A 95 8.35 -5.40 -7.04
C GLU A 95 8.58 -4.67 -5.71
N THR A 96 7.55 -4.64 -4.87
CA THR A 96 7.66 -4.04 -3.55
C THR A 96 8.01 -5.12 -2.55
N HIS A 97 9.12 -4.93 -1.82
CA HIS A 97 9.57 -5.88 -0.81
C HIS A 97 9.98 -5.12 0.45
N PHE A 98 9.17 -5.25 1.50
CA PHE A 98 9.47 -4.60 2.77
C PHE A 98 10.64 -5.32 3.44
N SER A 99 11.42 -4.57 4.22
CA SER A 99 12.62 -5.08 4.88
C SER A 99 12.31 -5.85 6.17
N ASP A 100 13.23 -6.75 6.52
CA ASP A 100 13.20 -7.50 7.77
C ASP A 100 14.47 -7.33 8.61
N ASP A 101 15.32 -6.35 8.31
CA ASP A 101 16.65 -6.27 8.92
C ASP A 101 16.55 -6.21 10.43
N ILE A 102 15.60 -5.43 10.92
CA ILE A 102 15.47 -5.13 12.34
C ILE A 102 15.00 -6.34 13.16
N GLU A 103 14.35 -7.33 12.56
CA GLU A 103 13.88 -8.51 13.30
C GLU A 103 15.04 -9.33 13.89
N GLN A 104 15.99 -9.72 13.04
CA GLN A 104 17.12 -10.46 13.56
C GLN A 104 17.93 -9.65 14.56
N GLN A 105 17.96 -8.32 14.40
CA GLN A 105 18.54 -7.48 15.44
C GLN A 105 17.81 -7.64 16.77
N ALA A 106 16.47 -7.80 16.74
CA ALA A 106 15.76 -8.12 17.98
C ALA A 106 16.24 -9.45 18.56
N ASP A 107 16.35 -10.45 17.69
CA ASP A 107 16.83 -11.75 18.14
C ASP A 107 18.17 -11.60 18.86
N ASN A 108 19.12 -10.89 18.25
CA ASN A 108 20.42 -10.66 18.87
C ASN A 108 20.30 -9.87 20.16
N MET A 109 19.42 -8.87 20.18
CA MET A 109 19.20 -8.01 21.34
C MET A 109 18.79 -8.86 22.55
N ILE A 110 17.72 -9.64 22.39
CA ILE A 110 17.27 -10.46 23.51
C ILE A 110 18.27 -11.58 23.78
N THR A 111 19.04 -11.99 22.78
CA THR A 111 20.06 -13.00 23.00
C THR A 111 21.10 -12.53 23.99
N GLU A 112 21.64 -11.32 23.78
CA GLU A 112 22.62 -10.83 24.75
C GLU A 112 21.95 -10.58 26.11
N MET A 113 20.70 -10.10 26.09
CA MET A 113 20.01 -9.87 27.37
C MET A 113 19.85 -11.17 28.14
N LEU A 114 19.57 -12.27 27.45
CA LEU A 114 19.41 -13.57 28.10
C LEU A 114 20.73 -14.28 28.34
N GLN A 115 21.82 -13.86 27.69
CA GLN A 115 23.15 -14.35 28.03
C GLN A 115 23.69 -13.67 29.27
N LYS A 116 23.11 -12.55 29.66
CA LYS A 116 23.34 -12.07 31.03
C LYS A 116 22.28 -12.57 32.01
N GLU A 117 21.12 -12.99 31.51
CA GLU A 117 20.11 -13.74 32.28
C GLU A 117 19.82 -13.14 33.66
N SER B 3 7.79 0.85 39.07
CA SER B 3 8.60 -0.33 38.74
C SER B 3 10.10 -0.02 38.89
N GLY B 4 10.88 -1.07 39.13
CA GLY B 4 12.33 -0.89 39.22
C GLY B 4 12.91 -0.37 37.92
N ASP B 5 13.97 0.43 38.05
CA ASP B 5 14.49 1.16 36.91
C ASP B 5 15.08 0.22 35.84
N GLU B 6 15.68 -0.90 36.26
CA GLU B 6 16.24 -1.85 35.31
C GLU B 6 15.14 -2.58 34.55
N GLU B 7 14.06 -2.96 35.25
CA GLU B 7 12.90 -3.52 34.57
C GLU B 7 12.34 -2.53 33.55
N PHE B 8 12.23 -1.26 33.95
CA PHE B 8 11.68 -0.28 33.05
C PHE B 8 12.58 -0.07 31.84
N SER B 9 13.90 -0.12 32.04
CA SER B 9 14.82 0.02 30.92
C SER B 9 14.68 -1.12 29.93
N ASP B 10 14.54 -2.36 30.43
CA ASP B 10 14.39 -3.49 29.51
C ASP B 10 13.07 -3.42 28.74
N MET B 11 11.97 -3.17 29.44
CA MET B 11 10.70 -3.07 28.73
C MET B 11 10.72 -1.90 27.76
N LEU B 12 11.46 -0.84 28.10
CA LEU B 12 11.55 0.32 27.24
C LEU B 12 12.37 0.03 25.99
N ARG B 13 13.38 -0.83 26.12
CA ARG B 13 14.16 -1.27 24.97
C ARG B 13 13.32 -2.11 24.00
N LEU B 14 12.57 -3.08 24.52
CA LEU B 14 11.69 -3.87 23.66
C LEU B 14 10.66 -2.96 22.98
N PHE B 15 10.13 -2.00 23.74
CA PHE B 15 9.21 -1.01 23.21
C PHE B 15 9.81 -0.24 22.04
N ASP B 16 10.99 0.35 22.26
CA ASP B 16 11.70 1.08 21.20
C ASP B 16 11.88 0.22 19.96
N PHE B 17 12.21 -1.06 20.16
CA PHE B 17 12.41 -1.93 19.01
C PHE B 17 11.16 -1.99 18.16
N ASN B 18 10.02 -2.30 18.80
CA ASN B 18 8.81 -2.39 17.99
C ASN B 18 8.42 -1.03 17.41
N LYS B 19 8.68 0.06 18.13
CA LYS B 19 8.37 1.38 17.59
C LYS B 19 9.18 1.66 16.32
N GLN B 20 10.46 1.31 16.35
CA GLN B 20 11.30 1.51 15.17
C GLN B 20 10.84 0.64 14.01
N ALA B 21 10.42 -0.60 14.29
CA ALA B 21 9.91 -1.45 13.22
C ALA B 21 8.66 -0.85 12.60
N ILE B 22 7.77 -0.30 13.43
CA ILE B 22 6.56 0.35 12.93
C ILE B 22 6.92 1.53 12.04
N GLN B 23 7.87 2.36 12.47
CA GLN B 23 8.26 3.51 11.66
C GLN B 23 8.88 3.07 10.33
N ARG B 24 9.70 2.03 10.37
CA ARG B 24 10.32 1.51 9.15
C ARG B 24 9.27 1.05 8.15
N LEU B 25 8.33 0.21 8.61
CA LEU B 25 7.24 -0.22 7.74
C LEU B 25 6.44 0.96 7.21
N LYS B 26 6.17 1.95 8.08
CA LYS B 26 5.44 3.14 7.68
C LYS B 26 6.12 3.84 6.51
N ALA B 27 7.43 4.05 6.61
CA ALA B 27 8.18 4.75 5.56
C ALA B 27 8.21 3.95 4.27
N GLU B 28 8.46 2.64 4.36
CA GLU B 28 8.55 1.80 3.18
C GLU B 28 7.22 1.74 2.44
N ALA B 29 6.14 1.52 3.19
CA ALA B 29 4.81 1.49 2.59
C ALA B 29 4.46 2.81 1.94
N GLN B 30 4.81 3.92 2.61
CA GLN B 30 4.52 5.23 2.04
C GLN B 30 5.28 5.44 0.73
N MET B 31 6.54 5.01 0.68
CA MET B 31 7.32 5.14 -0.56
C MET B 31 6.67 4.35 -1.70
N SER B 32 6.33 3.09 -1.44
CA SER B 32 5.78 2.27 -2.52
C SER B 32 4.42 2.83 -2.98
N ILE B 33 3.62 3.32 -2.04
CA ILE B 33 2.33 3.91 -2.38
C ILE B 33 2.51 5.18 -3.21
N GLN B 34 3.55 5.97 -2.91
CA GLN B 34 3.78 7.17 -3.71
C GLN B 34 4.20 6.81 -5.13
N LEU B 35 5.01 5.76 -5.28
CA LEU B 35 5.35 5.30 -6.62
C LEU B 35 4.10 4.87 -7.39
N ILE B 36 3.22 4.11 -6.74
CA ILE B 36 1.96 3.73 -7.38
C ILE B 36 1.13 4.96 -7.73
N ASN B 37 1.07 5.95 -6.84
CA ASN B 37 0.27 7.13 -7.11
C ASN B 37 0.78 7.88 -8.33
N LYS B 38 2.11 8.04 -8.45
CA LYS B 38 2.68 8.67 -9.62
C LYS B 38 2.33 7.90 -10.90
N ALA B 39 2.48 6.57 -10.87
CA ALA B 39 2.20 5.77 -12.05
C ALA B 39 0.73 5.87 -12.45
N VAL B 40 -0.17 5.81 -11.48
CA VAL B 40 -1.60 5.93 -11.78
C VAL B 40 -1.95 7.30 -12.32
N ASN B 41 -1.36 8.36 -11.75
CA ASN B 41 -1.67 9.71 -12.25
C ASN B 41 -1.16 9.90 -13.67
N ALA B 42 -0.01 9.31 -13.99
CA ALA B 42 0.49 9.34 -15.37
C ALA B 42 -0.45 8.60 -16.30
N LEU B 43 -0.93 7.43 -15.89
CA LEU B 43 -1.95 6.72 -16.68
C LEU B 43 -3.16 7.59 -16.92
N ILE B 44 -3.63 8.29 -15.89
CA ILE B 44 -4.80 9.16 -16.03
C ILE B 44 -4.53 10.27 -17.05
N ASN B 45 -3.36 10.90 -16.95
CA ASN B 45 -3.02 11.97 -17.88
C ASN B 45 -3.05 11.49 -19.32
N ASP B 46 -2.36 10.39 -19.61
CA ASP B 46 -2.32 9.93 -20.98
C ASP B 46 -3.70 9.48 -21.44
N GLN B 47 -4.49 8.88 -20.54
CA GLN B 47 -5.79 8.37 -20.94
C GLN B 47 -6.74 9.51 -21.27
N LEU B 48 -6.62 10.63 -20.55
CA LEU B 48 -7.45 11.80 -20.83
C LEU B 48 -7.07 12.44 -22.14
N ILE B 49 -5.77 12.52 -22.44
CA ILE B 49 -5.33 12.98 -23.75
C ILE B 49 -5.93 12.12 -24.86
N MET B 50 -5.81 10.79 -24.70
CA MET B 50 -6.37 9.87 -25.69
C MET B 50 -7.87 10.11 -25.87
N LYS B 51 -8.61 10.17 -24.76
CA LYS B 51 -10.05 10.40 -24.82
C LYS B 51 -10.39 11.71 -25.51
N ASN B 52 -9.55 12.72 -25.35
CA ASN B 52 -9.83 14.01 -25.97
C ASN B 52 -9.48 14.04 -27.46
N HIS B 53 -8.66 13.10 -27.96
CA HIS B 53 -8.22 13.18 -29.35
C HIS B 53 -8.71 12.05 -30.25
N LEU B 54 -9.46 11.07 -29.74
CA LEU B 54 -9.87 9.91 -30.52
C LEU B 54 -11.32 10.04 -31.00
N ARG B 55 -11.49 10.13 -32.32
CA ARG B 55 -12.80 10.43 -32.90
C ARG B 55 -13.83 9.35 -32.59
N ASP B 56 -13.41 8.08 -32.56
CA ASP B 56 -14.37 7.00 -32.33
C ASP B 56 -15.00 7.05 -30.94
N ILE B 57 -14.38 7.74 -29.98
CA ILE B 57 -14.89 7.79 -28.62
C ILE B 57 -15.26 9.20 -28.20
N MET B 58 -15.30 10.15 -29.13
CA MET B 58 -15.60 11.53 -28.76
C MET B 58 -17.05 11.72 -28.33
N GLY B 59 -17.93 10.78 -28.65
CA GLY B 59 -19.31 10.86 -28.20
C GLY B 59 -19.56 10.42 -26.78
N ILE B 60 -18.63 9.67 -26.19
CA ILE B 60 -18.86 9.09 -24.86
C ILE B 60 -18.71 10.16 -23.79
N PRO B 61 -19.70 10.33 -22.93
CA PRO B 61 -19.64 11.37 -21.88
C PRO B 61 -18.88 10.88 -20.65
N TYR B 62 -18.58 11.81 -19.75
CA TYR B 62 -18.02 11.42 -18.47
C TYR B 62 -19.18 11.14 -17.53
N CYS B 63 -19.05 10.11 -16.71
CA CYS B 63 -20.13 9.71 -15.82
C CYS B 63 -20.50 10.86 -14.88
N ASN B 64 -21.78 11.01 -14.60
CA ASN B 64 -22.24 12.01 -13.66
C ASN B 64 -22.22 11.41 -12.24
N TYR B 65 -22.75 12.14 -11.26
CA TYR B 65 -22.49 11.77 -9.86
C TYR B 65 -23.04 10.39 -9.50
N SER B 66 -24.17 10.00 -10.10
CA SER B 66 -24.76 8.69 -9.81
C SER B 66 -23.74 7.57 -10.03
N LYS B 67 -22.62 7.90 -10.70
CA LYS B 67 -21.53 6.95 -10.93
C LYS B 67 -21.12 6.26 -9.65
N TYR B 68 -21.12 6.98 -8.52
CA TYR B 68 -20.64 6.37 -7.28
C TYR B 68 -21.46 5.15 -6.89
N TRP B 69 -22.77 5.14 -7.20
CA TRP B 69 -23.50 3.90 -6.98
C TRP B 69 -23.42 2.94 -8.15
N TYR B 70 -23.26 3.48 -9.37
CA TYR B 70 -22.83 2.64 -10.48
C TYR B 70 -21.54 1.92 -10.11
N LEU B 71 -20.67 2.63 -9.38
CA LEU B 71 -19.44 2.06 -8.89
C LEU B 71 -19.71 0.94 -7.87
N ASN B 72 -20.78 1.07 -7.09
CA ASN B 72 -21.06 0.14 -6.00
C ASN B 72 -21.44 -1.28 -6.45
N HIS B 73 -21.50 -1.60 -7.74
CA HIS B 73 -21.72 -3.00 -8.11
C HIS B 73 -20.55 -3.88 -7.72
N THR B 74 -19.32 -3.45 -8.04
CA THR B 74 -18.16 -4.27 -7.74
C THR B 74 -17.76 -4.16 -6.28
N THR B 75 -18.00 -3.01 -5.64
CA THR B 75 -17.59 -2.82 -4.26
C THR B 75 -18.64 -3.36 -3.28
N THR B 76 -19.90 -3.04 -3.50
CA THR B 76 -20.98 -3.57 -2.65
C THR B 76 -21.94 -4.43 -3.47
N LYS B 83 -21.14 2.80 -21.69
CA LYS B 83 -21.59 3.72 -20.65
C LYS B 83 -21.07 5.17 -20.72
N CYS B 84 -20.06 5.46 -19.91
CA CYS B 84 -19.53 6.79 -19.64
C CYS B 84 -18.15 6.65 -18.99
N TRP B 85 -17.42 7.75 -18.89
CA TRP B 85 -16.06 7.65 -18.40
C TRP B 85 -16.06 7.80 -16.88
N LEU B 86 -15.38 6.89 -16.19
CA LEU B 86 -15.17 7.03 -14.75
C LEU B 86 -13.96 7.89 -14.44
N VAL B 87 -12.92 7.84 -15.27
CA VAL B 87 -11.73 8.66 -15.08
C VAL B 87 -11.95 10.04 -15.66
N SER B 88 -11.69 11.07 -14.86
CA SER B 88 -11.96 12.44 -15.25
C SER B 88 -10.79 13.31 -14.81
N ASN B 89 -10.96 14.62 -14.93
CA ASN B 89 -9.94 15.55 -14.44
C ASN B 89 -9.73 15.39 -12.94
N GLY B 90 -10.78 15.03 -12.20
CA GLY B 90 -10.71 14.95 -10.75
C GLY B 90 -10.47 13.56 -10.22
N SER B 91 -9.84 12.71 -11.03
CA SER B 91 -9.52 11.34 -10.61
C SER B 91 -8.10 11.18 -10.11
N TYR B 92 -7.29 12.23 -10.17
CA TYR B 92 -5.90 12.11 -9.73
C TYR B 92 -5.84 11.79 -8.23
N LEU B 93 -4.77 11.07 -7.85
CA LEU B 93 -4.58 10.65 -6.46
C LEU B 93 -3.74 11.69 -5.72
N ASN B 94 -4.24 12.12 -4.56
CA ASN B 94 -3.48 12.99 -3.68
C ASN B 94 -2.26 12.28 -3.09
N GLU B 95 -1.36 13.09 -2.54
CA GLU B 95 -0.19 12.58 -1.82
C GLU B 95 -0.62 11.84 -0.55
N THR B 96 -0.06 10.66 -0.35
CA THR B 96 -0.32 9.87 0.85
C THR B 96 0.75 10.17 1.89
N HIS B 97 0.33 10.62 3.07
CA HIS B 97 1.25 10.92 4.16
C HIS B 97 0.70 10.32 5.45
N PHE B 98 1.37 9.30 5.96
CA PHE B 98 0.94 8.67 7.20
C PHE B 98 1.28 9.58 8.38
N SER B 99 0.44 9.52 9.41
CA SER B 99 0.59 10.40 10.57
C SER B 99 1.72 9.94 11.49
N ASP B 100 2.29 10.90 12.21
CA ASP B 100 3.36 10.65 13.17
C ASP B 100 2.99 11.11 14.58
N ASP B 101 1.71 11.43 14.82
CA ASP B 101 1.30 12.07 16.07
C ASP B 101 1.59 11.17 17.26
N ILE B 102 1.31 9.89 17.09
CA ILE B 102 1.34 8.94 18.18
C ILE B 102 2.76 8.76 18.70
N GLU B 103 3.77 9.01 17.85
CA GLU B 103 5.16 8.90 18.27
C GLU B 103 5.51 9.96 19.34
N GLN B 104 5.22 11.24 19.05
CA GLN B 104 5.48 12.26 20.06
C GLN B 104 4.61 12.03 21.29
N GLN B 105 3.40 11.49 21.10
CA GLN B 105 2.56 11.17 22.25
C GLN B 105 3.24 10.14 23.15
N ALA B 106 3.90 9.14 22.57
CA ALA B 106 4.67 8.18 23.35
C ALA B 106 5.81 8.85 24.10
N ASP B 107 6.55 9.69 23.39
CA ASP B 107 7.67 10.38 24.03
C ASP B 107 7.20 11.10 25.29
N ASN B 108 6.11 11.88 25.16
CA ASN B 108 5.56 12.59 26.31
C ASN B 108 5.06 11.63 27.38
N MET B 109 4.44 10.53 26.98
CA MET B 109 3.91 9.54 27.92
C MET B 109 5.01 8.97 28.82
N ILE B 110 6.06 8.42 28.21
CA ILE B 110 7.08 7.82 29.06
C ILE B 110 7.90 8.91 29.75
N THR B 111 7.95 10.14 29.21
CA THR B 111 8.59 11.23 29.93
C THR B 111 7.90 11.49 31.26
N GLU B 112 6.56 11.58 31.23
CA GLU B 112 5.85 11.77 32.49
C GLU B 112 5.99 10.54 33.38
N MET B 113 6.07 9.34 32.81
CA MET B 113 6.30 8.17 33.66
C MET B 113 7.66 8.24 34.34
N LEU B 114 8.67 8.77 33.65
CA LEU B 114 10.01 8.90 34.23
C LEU B 114 10.16 10.11 35.14
N GLN B 115 9.20 11.03 35.13
CA GLN B 115 9.21 12.14 36.07
C GLN B 115 8.16 11.99 37.16
N LYS B 116 7.45 10.86 37.17
CA LYS B 116 6.46 10.57 38.21
C LYS B 116 6.65 9.16 38.78
N GLY C 2 1.33 -11.18 35.29
CA GLY C 2 2.01 -12.29 35.94
C GLY C 2 3.10 -11.88 36.91
N SER C 3 3.77 -10.78 36.61
CA SER C 3 4.78 -10.18 37.46
C SER C 3 4.11 -9.22 38.44
N GLY C 4 4.89 -8.38 39.12
CA GLY C 4 4.30 -7.40 40.01
C GLY C 4 3.36 -6.48 39.25
N ASP C 5 2.28 -6.06 39.93
CA ASP C 5 1.21 -5.37 39.23
C ASP C 5 1.62 -4.01 38.71
N GLU C 6 2.47 -3.29 39.45
CA GLU C 6 2.94 -1.99 38.97
C GLU C 6 3.92 -2.14 37.80
N GLU C 7 4.80 -3.14 37.85
CA GLU C 7 5.64 -3.44 36.70
C GLU C 7 4.81 -3.82 35.49
N PHE C 8 3.82 -4.68 35.70
CA PHE C 8 3.02 -5.17 34.59
C PHE C 8 2.21 -4.04 33.98
N SER C 9 1.74 -3.11 34.80
CA SER C 9 1.01 -1.95 34.28
C SER C 9 1.88 -1.11 33.34
N ASP C 10 3.14 -0.92 33.70
CA ASP C 10 4.05 -0.16 32.85
C ASP C 10 4.30 -0.85 31.52
N MET C 11 4.64 -2.15 31.58
CA MET C 11 4.91 -2.84 30.33
C MET C 11 3.65 -2.92 29.48
N LEU C 12 2.50 -2.99 30.13
CA LEU C 12 1.23 -3.08 29.42
C LEU C 12 0.88 -1.75 28.77
N ARG C 13 1.29 -0.64 29.40
CA ARG C 13 1.08 0.68 28.79
C ARG C 13 1.95 0.85 27.55
N LEU C 14 3.23 0.47 27.63
CA LEU C 14 4.08 0.52 26.44
C LEU C 14 3.50 -0.36 25.33
N PHE C 15 3.01 -1.54 25.71
CA PHE C 15 2.35 -2.44 24.78
C PHE C 15 1.17 -1.76 24.09
N ASP C 16 0.26 -1.17 24.88
CA ASP C 16 -0.85 -0.38 24.32
C ASP C 16 -0.39 0.64 23.32
N PHE C 17 0.68 1.36 23.64
CA PHE C 17 1.13 2.38 22.70
C PHE C 17 1.44 1.76 21.35
N ASN C 18 2.27 0.72 21.34
CA ASN C 18 2.64 0.15 20.05
C ASN C 18 1.44 -0.50 19.37
N LYS C 19 0.52 -1.11 20.13
CA LYS C 19 -0.66 -1.69 19.51
C LYS C 19 -1.51 -0.62 18.81
N GLN C 20 -1.67 0.54 19.48
CA GLN C 20 -2.44 1.62 18.89
C GLN C 20 -1.75 2.16 17.64
N ALA C 21 -0.42 2.26 17.67
CA ALA C 21 0.29 2.74 16.49
C ALA C 21 0.11 1.78 15.32
N ILE C 22 0.17 0.47 15.59
CA ILE C 22 -0.06 -0.52 14.56
C ILE C 22 -1.46 -0.40 13.98
N GLN C 23 -2.46 -0.21 14.85
CA GLN C 23 -3.83 -0.07 14.35
C GLN C 23 -3.98 1.18 13.48
N ARG C 24 -3.37 2.28 13.90
CA ARG C 24 -3.41 3.52 13.13
C ARG C 24 -2.82 3.32 11.74
N LEU C 25 -1.62 2.74 11.69
CA LEU C 25 -0.97 2.49 10.41
C LEU C 25 -1.82 1.59 9.53
N LYS C 26 -2.42 0.55 10.12
CA LYS C 26 -3.28 -0.36 9.39
C LYS C 26 -4.43 0.39 8.74
N ALA C 27 -5.09 1.26 9.50
CA ALA C 27 -6.25 1.99 8.99
C ALA C 27 -5.86 2.97 7.89
N GLU C 28 -4.76 3.71 8.09
CA GLU C 28 -4.33 4.69 7.10
C GLU C 28 -3.92 4.01 5.79
N ALA C 29 -3.12 2.95 5.89
CA ALA C 29 -2.69 2.21 4.71
C ALA C 29 -3.88 1.62 3.97
N GLN C 30 -4.85 1.08 4.71
CA GLN C 30 -6.01 0.51 4.06
C GLN C 30 -6.80 1.59 3.34
N MET C 31 -6.92 2.77 3.94
CA MET C 31 -7.62 3.88 3.28
C MET C 31 -6.94 4.23 1.96
N SER C 32 -5.62 4.43 1.99
CA SER C 32 -4.93 4.85 0.78
C SER C 32 -4.98 3.74 -0.29
N ILE C 33 -4.86 2.49 0.13
CA ILE C 33 -4.90 1.37 -0.80
C ILE C 33 -6.27 1.26 -1.45
N GLN C 34 -7.34 1.51 -0.70
CA GLN C 34 -8.68 1.49 -1.28
C GLN C 34 -8.88 2.63 -2.28
N LEU C 35 -8.32 3.80 -1.98
CA LEU C 35 -8.39 4.89 -2.97
C LEU C 35 -7.67 4.50 -4.26
N ILE C 36 -6.48 3.91 -4.13
CA ILE C 36 -5.77 3.42 -5.32
C ILE C 36 -6.61 2.38 -6.06
N ASN C 37 -7.28 1.49 -5.32
CA ASN C 37 -8.09 0.47 -5.97
C ASN C 37 -9.20 1.11 -6.78
N LYS C 38 -9.85 2.13 -6.21
CA LYS C 38 -10.88 2.86 -6.92
C LYS C 38 -10.33 3.46 -8.22
N ALA C 39 -9.18 4.12 -8.13
CA ALA C 39 -8.60 4.77 -9.30
C ALA C 39 -8.23 3.76 -10.39
N VAL C 40 -7.61 2.66 -9.98
CA VAL C 40 -7.20 1.62 -10.92
C VAL C 40 -8.41 0.97 -11.59
N ASN C 41 -9.48 0.69 -10.82
CA ASN C 41 -10.67 0.09 -11.42
C ASN C 41 -11.34 1.05 -12.39
N ALA C 42 -11.33 2.36 -12.08
CA ALA C 42 -11.86 3.35 -13.01
C ALA C 42 -11.06 3.36 -14.31
N LEU C 43 -9.72 3.32 -14.21
CA LEU C 43 -8.87 3.19 -15.39
C LEU C 43 -9.23 1.95 -16.20
N ILE C 44 -9.41 0.81 -15.52
CA ILE C 44 -9.73 -0.42 -16.23
C ILE C 44 -11.04 -0.26 -16.99
N ASN C 45 -12.05 0.28 -16.33
CA ASN C 45 -13.36 0.45 -16.96
C ASN C 45 -13.24 1.29 -18.24
N ASP C 46 -12.62 2.47 -18.12
CA ASP C 46 -12.54 3.33 -19.29
C ASP C 46 -11.66 2.71 -20.37
N GLN C 47 -10.59 2.00 -19.99
CA GLN C 47 -9.70 1.43 -21.00
C GLN C 47 -10.41 0.36 -21.78
N LEU C 48 -11.28 -0.40 -21.10
CA LEU C 48 -12.04 -1.43 -21.79
C LEU C 48 -13.06 -0.82 -22.75
N ILE C 49 -13.72 0.27 -22.33
CA ILE C 49 -14.59 1.00 -23.25
C ILE C 49 -13.81 1.41 -24.49
N MET C 50 -12.64 2.01 -24.27
CA MET C 50 -11.79 2.45 -25.37
C MET C 50 -11.45 1.29 -26.31
N LYS C 51 -10.98 0.18 -25.75
CA LYS C 51 -10.61 -0.98 -26.56
C LYS C 51 -11.81 -1.51 -27.35
N ASN C 52 -13.02 -1.42 -26.78
CA ASN C 52 -14.19 -1.92 -27.48
C ASN C 52 -14.72 -0.97 -28.57
N HIS C 53 -14.35 0.31 -28.54
CA HIS C 53 -14.91 1.24 -29.52
C HIS C 53 -13.90 1.87 -30.49
N LEU C 54 -12.60 1.58 -30.37
CA LEU C 54 -11.58 2.21 -31.20
C LEU C 54 -11.20 1.26 -32.33
N ARG C 55 -11.55 1.64 -33.57
CA ARG C 55 -11.46 0.70 -34.68
C ARG C 55 -10.03 0.27 -34.94
N ASP C 56 -9.05 1.13 -34.70
CA ASP C 56 -7.67 0.75 -34.95
C ASP C 56 -7.19 -0.38 -34.04
N ILE C 57 -7.82 -0.59 -32.87
CA ILE C 57 -7.36 -1.61 -31.94
C ILE C 57 -8.43 -2.66 -31.66
N MET C 58 -9.58 -2.60 -32.35
CA MET C 58 -10.65 -3.58 -32.12
C MET C 58 -10.31 -4.97 -32.65
N GLY C 59 -9.25 -5.09 -33.45
CA GLY C 59 -8.80 -6.40 -33.88
C GLY C 59 -7.95 -7.14 -32.87
N ILE C 60 -7.41 -6.44 -31.89
CA ILE C 60 -6.49 -7.09 -30.95
C ILE C 60 -7.28 -7.98 -30.00
N PRO C 61 -6.89 -9.23 -29.82
CA PRO C 61 -7.61 -10.11 -28.89
C PRO C 61 -7.15 -9.86 -27.45
N TYR C 62 -7.92 -10.38 -26.50
CA TYR C 62 -7.49 -10.32 -25.11
C TYR C 62 -6.64 -11.55 -24.85
N CYS C 63 -5.58 -11.37 -24.05
CA CYS C 63 -4.69 -12.48 -23.77
C CYS C 63 -5.45 -13.58 -23.05
N ASN C 64 -5.12 -14.83 -23.35
CA ASN C 64 -5.71 -15.97 -22.66
C ASN C 64 -4.86 -16.33 -21.45
N TYR C 65 -5.14 -17.49 -20.83
CA TYR C 65 -4.57 -17.79 -19.52
C TYR C 65 -3.05 -17.87 -19.53
N SER C 66 -2.44 -18.30 -20.63
CA SER C 66 -0.99 -18.38 -20.71
C SER C 66 -0.30 -17.05 -20.40
N LYS C 67 -1.05 -15.95 -20.44
CA LYS C 67 -0.51 -14.62 -20.18
C LYS C 67 0.30 -14.57 -18.90
N TYR C 68 -0.13 -15.30 -17.88
CA TYR C 68 0.51 -15.17 -16.57
C TYR C 68 1.97 -15.59 -16.64
N TRP C 69 2.30 -16.63 -17.42
CA TRP C 69 3.72 -16.89 -17.50
C TRP C 69 4.41 -16.00 -18.51
N TYR C 70 3.71 -15.60 -19.58
CA TYR C 70 4.23 -14.48 -20.35
C TYR C 70 4.48 -13.32 -19.41
N LEU C 71 3.55 -13.10 -18.47
CA LEU C 71 3.70 -11.97 -17.56
C LEU C 71 4.96 -12.14 -16.73
N ASN C 72 5.25 -13.38 -16.30
CA ASN C 72 6.40 -13.54 -15.43
C ASN C 72 7.68 -13.25 -16.20
N HIS C 73 7.74 -13.71 -17.46
CA HIS C 73 8.90 -13.41 -18.27
C HIS C 73 8.96 -11.91 -18.55
N THR C 74 7.80 -11.29 -18.76
CA THR C 74 7.78 -9.87 -19.04
C THR C 74 8.26 -9.06 -17.84
N THR C 75 8.16 -9.61 -16.62
CA THR C 75 8.69 -8.88 -15.48
C THR C 75 10.21 -8.81 -15.52
N THR C 76 10.87 -9.84 -16.07
CA THR C 76 12.32 -9.80 -16.19
C THR C 76 12.74 -8.98 -17.41
N GLY C 77 12.08 -9.17 -18.54
CA GLY C 77 12.39 -8.43 -19.75
C GLY C 77 11.40 -7.30 -20.04
N PRO C 82 3.77 -7.11 -26.59
CA PRO C 82 2.88 -8.26 -26.74
C PRO C 82 1.77 -8.01 -27.75
N LYS C 83 1.08 -9.08 -28.15
CA LYS C 83 0.14 -9.06 -29.26
C LYS C 83 -1.31 -9.17 -28.81
N CYS C 84 -1.59 -8.90 -27.54
CA CYS C 84 -2.92 -9.11 -26.97
C CYS C 84 -3.02 -8.29 -25.70
N TRP C 85 -4.25 -8.17 -25.17
CA TRP C 85 -4.51 -7.30 -24.04
C TRP C 85 -4.31 -8.04 -22.73
N LEU C 86 -3.57 -7.43 -21.80
CA LEU C 86 -3.48 -8.00 -20.46
C LEU C 86 -4.66 -7.58 -19.58
N VAL C 87 -5.17 -6.36 -19.73
CA VAL C 87 -6.30 -5.92 -18.92
C VAL C 87 -7.60 -6.37 -19.57
N SER C 88 -8.45 -7.04 -18.78
CA SER C 88 -9.67 -7.66 -19.28
C SER C 88 -10.81 -7.41 -18.29
N ASN C 89 -11.93 -8.09 -18.50
CA ASN C 89 -13.05 -8.01 -17.58
C ASN C 89 -12.66 -8.48 -16.19
N GLY C 90 -11.74 -9.44 -16.09
CA GLY C 90 -11.38 -10.01 -14.80
C GLY C 90 -10.12 -9.41 -14.21
N SER C 91 -9.79 -8.19 -14.60
CA SER C 91 -8.62 -7.49 -14.09
C SER C 91 -8.93 -6.53 -12.95
N TYR C 92 -10.20 -6.37 -12.59
CA TYR C 92 -10.54 -5.45 -11.51
C TYR C 92 -9.98 -5.95 -10.18
N LEU C 93 -9.67 -5.01 -9.30
CA LEU C 93 -9.11 -5.31 -7.99
C LEU C 93 -10.23 -5.47 -6.97
N ASN C 94 -10.19 -6.56 -6.21
CA ASN C 94 -11.06 -6.68 -5.05
C ASN C 94 -10.67 -5.68 -3.97
N GLU C 95 -11.60 -5.42 -3.06
CA GLU C 95 -11.30 -4.59 -1.91
C GLU C 95 -10.34 -5.30 -0.95
N THR C 96 -9.33 -4.55 -0.50
CA THR C 96 -8.34 -5.06 0.44
C THR C 96 -8.78 -4.75 1.87
N HIS C 97 -8.80 -5.79 2.71
CA HIS C 97 -9.24 -5.69 4.10
C HIS C 97 -8.21 -6.38 4.98
N PHE C 98 -7.47 -5.61 5.76
CA PHE C 98 -6.47 -6.18 6.66
C PHE C 98 -7.13 -6.86 7.85
N SER C 99 -6.50 -7.93 8.34
CA SER C 99 -7.04 -8.74 9.44
C SER C 99 -6.80 -8.08 10.79
N ASP C 100 -7.71 -8.34 11.73
CA ASP C 100 -7.58 -7.83 13.10
C ASP C 100 -7.64 -8.92 14.18
N ASP C 101 -7.57 -10.20 13.80
CA ASP C 101 -7.82 -11.28 14.76
C ASP C 101 -6.81 -11.24 15.90
N ILE C 102 -5.54 -10.99 15.55
CA ILE C 102 -4.48 -11.11 16.53
C ILE C 102 -4.64 -10.03 17.59
N GLU C 103 -5.34 -8.93 17.28
CA GLU C 103 -5.57 -7.87 18.25
C GLU C 103 -6.30 -8.38 19.49
N GLN C 104 -7.47 -9.00 19.29
CA GLN C 104 -8.15 -9.68 20.40
C GLN C 104 -7.40 -10.93 20.88
N GLN C 105 -6.56 -11.54 20.04
CA GLN C 105 -5.66 -12.56 20.57
C GLN C 105 -4.83 -11.99 21.72
N ALA C 106 -4.46 -10.71 21.61
CA ALA C 106 -3.79 -10.02 22.72
C ALA C 106 -4.67 -9.98 23.96
N ASP C 107 -5.94 -9.61 23.80
CA ASP C 107 -6.88 -9.62 24.92
C ASP C 107 -6.91 -10.98 25.59
N ASN C 108 -7.00 -12.04 24.79
CA ASN C 108 -7.01 -13.39 25.35
C ASN C 108 -5.72 -13.68 26.10
N MET C 109 -4.59 -13.24 25.53
CA MET C 109 -3.29 -13.43 26.16
C MET C 109 -3.24 -12.79 27.54
N ILE C 110 -3.56 -11.49 27.63
CA ILE C 110 -3.47 -10.82 28.91
C ILE C 110 -4.56 -11.32 29.87
N THR C 111 -5.69 -11.79 29.34
CA THR C 111 -6.73 -12.33 30.21
C THR C 111 -6.21 -13.56 30.96
N GLU C 112 -5.58 -14.49 30.22
CA GLU C 112 -5.01 -15.63 30.92
C GLU C 112 -3.85 -15.21 31.82
N MET C 113 -3.06 -14.21 31.40
CA MET C 113 -1.95 -13.75 32.23
C MET C 113 -2.39 -13.14 33.57
N LEU C 114 -3.56 -12.49 33.60
CA LEU C 114 -3.98 -11.74 34.79
C LEU C 114 -4.51 -12.60 35.93
N GLN C 115 -4.81 -13.88 35.74
CA GLN C 115 -5.12 -14.74 36.89
C GLN C 115 -4.62 -16.17 36.68
CL CL D . -5.77 3.77 -21.54
CL CL E . 5.83 -3.54 22.24
C1 NAG F . 13.70 -1.34 -10.43
C2 NAG F . 14.03 -0.09 -11.24
C3 NAG F . 15.28 -0.35 -12.09
C4 NAG F . 16.43 -0.83 -11.22
C5 NAG F . 15.99 -2.03 -10.36
C6 NAG F . 17.05 -2.46 -9.36
C7 NAG F . 12.47 1.54 -12.23
C8 NAG F . 13.22 2.59 -11.47
N2 NAG F . 12.91 0.28 -12.09
O3 NAG F . 15.64 0.85 -12.76
O4 NAG F . 17.53 -1.22 -12.02
O5 NAG F . 14.82 -1.69 -9.61
O6 NAG F . 16.46 -2.90 -8.15
O7 NAG F . 11.52 1.82 -12.95
C1 NAG G . -6.99 16.20 -2.52
C2 NAG G . -8.51 15.99 -2.31
C3 NAG G . -9.23 17.34 -2.37
C4 NAG G . -8.60 18.33 -1.40
C5 NAG G . -7.11 18.46 -1.67
C6 NAG G . -6.40 19.33 -0.67
C7 NAG G . -9.35 13.81 -3.04
C8 NAG G . -9.90 13.01 -4.19
N2 NAG G . -9.05 15.09 -3.30
O3 NAG G . -10.60 17.15 -2.05
O4 NAG G . -9.21 19.61 -1.54
O5 NAG G . -6.50 17.16 -1.58
O6 NAG G . -5.43 18.60 0.07
O7 NAG G . -9.18 13.31 -1.93
NA NA H . 6.63 -4.11 25.97
C1 NAG I . -12.56 -11.34 -5.64
C2 NAG I . -11.98 -12.19 -6.78
C3 NAG I . -12.96 -13.28 -7.18
C4 NAG I . -13.38 -14.11 -5.97
C5 NAG I . -13.91 -13.19 -4.86
C6 NAG I . -14.24 -13.93 -3.59
C7 NAG I . -10.38 -11.03 -8.25
C8 NAG I . -10.22 -10.19 -9.47
N2 NAG I . -11.64 -11.37 -7.93
O3 NAG I . -12.38 -14.13 -8.16
O4 NAG I . -14.39 -15.04 -6.33
O5 NAG I . -12.93 -12.20 -4.54
O6 NAG I . -13.30 -13.64 -2.56
O7 NAG I . -9.43 -11.39 -7.57
#